data_5G45
#
_entry.id   5G45
#
_cell.length_a   62.220
_cell.length_b   62.220
_cell.length_c   154.060
_cell.angle_alpha   90.00
_cell.angle_beta   90.00
_cell.angle_gamma   90.00
#
_symmetry.space_group_name_H-M   'P 41 21 2'
#
loop_
_entity.id
_entity.type
_entity.pdbx_description
1 polymer 'NUCLEAR RECEPTOR ROR-GAMMA'
2 polymer RORG
3 non-polymer 8-AMINO-3-QUINOLINOL
4 non-polymer 'SODIUM ION'
5 non-polymer 'DIMETHYL SULFOXIDE'
6 water water
#
loop_
_entity_poly.entity_id
_entity_poly.type
_entity_poly.pdbx_seq_one_letter_code
_entity_poly.pdbx_strand_id
1 'polypeptide(L)'
;HNHNHNHNHNHNGGENLYFQGASLTEIEHLVQSVCKSYRETCQLRLEDLLRQRSNIFSREEVTGYQRKSMWEMWERCAHH
LTEAIQYVVEFAKRLSGFMELCQNDQIVLLKAGAMEVVLVRMCRAYNADNRTVFFEGKYGGMELFRALGCSELISSIFDF
SHSLSALHFSEDEIALYTALVLINAHRPGLQEKRKVEQLQYNLELAFHHHLCKTHRQSILAKLPPKGKLRSLCSQHVERL
QIFQHLHPIVVQAAFPPLYKELFSGG
;
A
2 'polypeptide(L)' KILHRLLQDS C
#
loop_
_chem_comp.id
_chem_comp.type
_chem_comp.name
_chem_comp.formula
A7W non-polymer 8-AMINO-3-QUINOLINOL 'C9 H8 N2 O'
DMS non-polymer 'DIMETHYL SULFOXIDE' 'C2 H6 O S'
NA non-polymer 'SODIUM ION' 'Na 1'
#
# COMPACT_ATOMS: atom_id res chain seq x y z
N ALA A 22 -8.10 -15.57 22.82
CA ALA A 22 -7.34 -14.44 23.34
C ALA A 22 -8.13 -13.62 24.38
N SER A 23 -7.44 -13.02 25.38
CA SER A 23 -8.01 -12.17 26.45
C SER A 23 -7.81 -10.65 26.17
N LEU A 24 -8.30 -9.76 27.08
CA LEU A 24 -8.25 -8.29 26.95
C LEU A 24 -6.86 -7.63 26.97
N THR A 25 -6.00 -8.03 27.94
CA THR A 25 -4.62 -7.57 28.07
C THR A 25 -3.85 -8.05 26.81
N GLU A 26 -4.13 -9.31 26.36
CA GLU A 26 -3.53 -9.96 25.19
C GLU A 26 -3.91 -9.24 23.91
N ILE A 27 -5.22 -8.88 23.74
CA ILE A 27 -5.72 -8.14 22.59
C ILE A 27 -5.06 -6.76 22.54
N GLU A 28 -4.93 -6.08 23.70
CA GLU A 28 -4.28 -4.78 23.78
C GLU A 28 -2.79 -4.91 23.48
N HIS A 29 -2.16 -6.03 23.93
CA HIS A 29 -0.74 -6.29 23.62
C HIS A 29 -0.56 -6.42 22.11
N LEU A 30 -1.54 -7.05 21.43
CA LEU A 30 -1.54 -7.17 19.97
C LEU A 30 -1.70 -5.80 19.29
N VAL A 31 -2.61 -4.94 19.81
CA VAL A 31 -2.82 -3.55 19.33
C VAL A 31 -1.49 -2.78 19.36
N GLN A 32 -0.83 -2.77 20.54
CA GLN A 32 0.46 -2.10 20.75
C GLN A 32 1.52 -2.60 19.75
N SER A 33 1.61 -3.94 19.59
CA SER A 33 2.58 -4.63 18.73
C SER A 33 2.43 -4.25 17.24
N VAL A 34 1.20 -4.31 16.69
CA VAL A 34 0.84 -3.95 15.31
C VAL A 34 1.20 -2.47 15.05
N CYS A 35 0.86 -1.57 15.99
CA CYS A 35 1.09 -0.13 15.90
C CYS A 35 2.57 0.23 15.87
N LYS A 36 3.39 -0.48 16.66
CA LYS A 36 4.84 -0.36 16.76
C LYS A 36 5.47 -0.87 15.47
N SER A 37 5.01 -2.06 14.96
CA SER A 37 5.47 -2.68 13.73
C SER A 37 5.27 -1.75 12.54
N TYR A 38 4.11 -1.09 12.53
CA TYR A 38 3.74 -0.14 11.51
C TYR A 38 4.62 1.13 11.55
N ARG A 39 4.78 1.74 12.76
CA ARG A 39 5.56 2.98 12.96
C ARG A 39 7.03 2.79 12.57
N GLU A 40 7.57 1.59 12.85
CA GLU A 40 8.94 1.19 12.51
C GLU A 40 9.14 0.95 11.01
N THR A 41 8.06 0.69 10.25
CA THR A 41 8.12 0.38 8.81
C THR A 41 7.46 1.39 7.90
N CYS A 42 7.32 2.63 8.41
CA CYS A 42 6.81 3.74 7.63
C CYS A 42 7.95 4.22 6.76
N GLN A 43 7.69 4.44 5.48
CA GLN A 43 8.68 4.98 4.55
C GLN A 43 8.71 6.50 4.82
N LEU A 44 7.52 7.08 4.98
CA LEU A 44 7.27 8.50 5.17
C LEU A 44 6.66 8.77 6.54
N ARG A 45 7.24 9.75 7.27
CA ARG A 45 6.69 10.18 8.55
C ARG A 45 5.52 11.10 8.24
N LEU A 46 4.40 10.91 8.94
CA LEU A 46 3.19 11.69 8.73
C LEU A 46 3.43 13.19 8.93
N GLU A 47 4.20 13.55 10.00
CA GLU A 47 4.56 14.93 10.32
C GLU A 47 5.34 15.58 9.17
N ASP A 48 6.24 14.83 8.52
CA ASP A 48 7.00 15.32 7.37
C ASP A 48 6.06 15.61 6.19
N LEU A 49 5.05 14.73 5.97
CA LEU A 49 4.05 14.89 4.91
C LEU A 49 3.15 16.10 5.14
N LEU A 50 2.79 16.38 6.41
CA LEU A 50 1.94 17.55 6.74
C LEU A 50 2.72 18.85 6.60
N ARG A 51 4.00 18.84 7.05
CA ARG A 51 4.88 19.99 7.02
C ARG A 51 5.29 20.39 5.61
N GLN A 52 5.13 19.45 4.63
CA GLN A 52 5.43 19.70 3.21
C GLN A 52 4.23 20.17 2.38
N ARG A 53 3.03 20.31 3.00
CA ARG A 53 1.82 20.68 2.27
C ARG A 53 1.84 21.90 1.38
N SER A 54 2.52 22.98 1.80
CA SER A 54 2.61 24.19 0.98
C SER A 54 3.74 24.15 -0.07
N ASN A 55 4.56 23.05 -0.10
CA ASN A 55 5.63 22.85 -1.08
C ASN A 55 4.99 22.13 -2.32
N ILE A 56 4.44 22.94 -3.20
CA ILE A 56 3.69 22.48 -4.35
C ILE A 56 4.46 22.72 -5.63
N PHE A 57 4.43 21.75 -6.59
CA PHE A 57 5.08 21.91 -7.90
C PHE A 57 4.47 23.08 -8.67
N SER A 58 5.34 23.86 -9.33
CA SER A 58 4.92 24.99 -10.17
C SER A 58 4.33 24.45 -11.47
N ARG A 59 3.63 25.32 -12.24
CA ARG A 59 3.05 24.99 -13.54
C ARG A 59 4.15 24.48 -14.50
N GLU A 60 5.37 25.06 -14.41
CA GLU A 60 6.57 24.72 -15.17
C GLU A 60 7.06 23.32 -14.83
N GLU A 61 7.03 22.94 -13.53
CA GLU A 61 7.43 21.61 -13.08
C GLU A 61 6.41 20.55 -13.51
N VAL A 62 5.11 20.88 -13.43
CA VAL A 62 4.02 19.99 -13.86
C VAL A 62 4.18 19.73 -15.36
N THR A 63 4.44 20.81 -16.15
CA THR A 63 4.67 20.75 -17.60
C THR A 63 5.88 19.85 -17.89
N GLY A 64 6.94 20.01 -17.09
CA GLY A 64 8.14 19.19 -17.17
C GLY A 64 7.83 17.71 -17.03
N TYR A 65 6.93 17.36 -16.07
CA TYR A 65 6.49 15.98 -15.84
C TYR A 65 5.67 15.43 -17.00
N GLN A 66 4.83 16.27 -17.59
CA GLN A 66 3.96 15.92 -18.73
C GLN A 66 4.75 15.72 -20.01
N ARG A 67 5.92 16.39 -20.13
CA ARG A 67 6.80 16.33 -21.30
C ARG A 67 7.68 15.08 -21.31
N LYS A 68 7.75 14.40 -20.16
CA LYS A 68 8.54 13.18 -20.00
C LYS A 68 7.95 12.05 -20.85
N SER A 69 8.81 11.15 -21.33
CA SER A 69 8.30 10.05 -22.13
C SER A 69 7.47 9.08 -21.25
N MET A 70 6.52 8.36 -21.88
CA MET A 70 5.69 7.37 -21.20
C MET A 70 6.59 6.35 -20.41
N TRP A 71 7.65 5.85 -21.07
CA TRP A 71 8.58 4.88 -20.47
C TRP A 71 9.38 5.41 -19.28
N GLU A 72 9.80 6.69 -19.37
CA GLU A 72 10.55 7.35 -18.30
C GLU A 72 9.67 7.51 -17.05
N MET A 73 8.41 7.92 -17.27
CA MET A 73 7.45 8.09 -16.19
C MET A 73 7.05 6.74 -15.57
N TRP A 74 6.89 5.68 -16.39
CA TRP A 74 6.56 4.34 -15.91
C TRP A 74 7.66 3.75 -15.02
N GLU A 75 8.92 3.96 -15.41
CA GLU A 75 10.08 3.48 -14.70
C GLU A 75 10.22 4.17 -13.34
N ARG A 76 10.04 5.52 -13.31
CA ARG A 76 10.11 6.30 -12.08
C ARG A 76 9.05 5.87 -11.08
N CYS A 77 7.80 5.70 -11.54
CA CYS A 77 6.69 5.25 -10.72
C CYS A 77 6.85 3.79 -10.23
N ALA A 78 7.40 2.89 -11.08
CA ALA A 78 7.63 1.47 -10.71
C ALA A 78 8.68 1.40 -9.63
N HIS A 79 9.75 2.20 -9.76
CA HIS A 79 10.79 2.29 -8.75
C HIS A 79 10.20 2.85 -7.42
N HIS A 80 9.38 3.94 -7.46
CA HIS A 80 8.80 4.47 -6.22
C HIS A 80 7.85 3.46 -5.56
N LEU A 81 7.09 2.69 -6.35
CA LEU A 81 6.20 1.64 -5.85
C LEU A 81 6.99 0.50 -5.20
N THR A 82 8.12 0.09 -5.82
CA THR A 82 8.99 -0.98 -5.30
C THR A 82 9.54 -0.60 -3.93
N GLU A 83 10.00 0.64 -3.78
CA GLU A 83 10.52 1.18 -2.53
C GLU A 83 9.43 1.12 -1.46
N ALA A 84 8.18 1.58 -1.80
CA ALA A 84 7.05 1.49 -0.88
C ALA A 84 6.73 0.00 -0.51
N ILE A 85 6.82 -0.94 -1.48
CA ILE A 85 6.59 -2.39 -1.29
C ILE A 85 7.60 -3.00 -0.30
N GLN A 86 8.90 -2.60 -0.43
CA GLN A 86 10.00 -3.02 0.43
C GLN A 86 9.71 -2.73 1.91
N TYR A 87 9.07 -1.56 2.23
CA TYR A 87 8.65 -1.19 3.59
C TYR A 87 7.47 -2.06 4.07
N VAL A 88 6.57 -2.41 3.13
CA VAL A 88 5.42 -3.29 3.40
C VAL A 88 5.92 -4.72 3.72
N VAL A 89 6.98 -5.19 3.01
CA VAL A 89 7.63 -6.50 3.26
C VAL A 89 8.17 -6.52 4.69
N GLU A 90 8.89 -5.45 5.10
CA GLU A 90 9.39 -5.29 6.45
C GLU A 90 8.27 -5.23 7.52
N PHE A 91 7.13 -4.57 7.20
CA PHE A 91 5.94 -4.51 8.09
C PHE A 91 5.43 -5.96 8.35
N ALA A 92 5.30 -6.75 7.27
CA ALA A 92 4.87 -8.16 7.31
C ALA A 92 5.78 -8.99 8.22
N LYS A 93 7.10 -8.84 8.07
CA LYS A 93 8.12 -9.57 8.81
C LYS A 93 8.05 -9.25 10.30
N ARG A 94 7.69 -7.99 10.63
CA ARG A 94 7.57 -7.51 12.01
C ARG A 94 6.17 -7.78 12.57
N LEU A 95 5.20 -8.14 11.73
CA LEU A 95 3.81 -8.40 12.14
C LEU A 95 3.72 -9.72 12.91
N SER A 96 3.21 -9.63 14.15
CA SER A 96 3.06 -10.77 15.06
C SER A 96 2.26 -11.90 14.40
N GLY A 97 2.89 -13.07 14.27
CA GLY A 97 2.27 -14.25 13.67
C GLY A 97 2.60 -14.51 12.20
N PHE A 98 3.16 -13.51 11.46
CA PHE A 98 3.48 -13.69 10.04
C PHE A 98 4.71 -14.57 9.74
N MET A 99 5.80 -14.42 10.50
CA MET A 99 7.00 -15.25 10.29
C MET A 99 6.82 -16.71 10.76
N GLU A 100 5.71 -16.98 11.47
CA GLU A 100 5.34 -18.33 11.96
C GLU A 100 4.62 -19.14 10.87
N LEU A 101 4.04 -18.45 9.86
CA LEU A 101 3.37 -19.07 8.71
C LEU A 101 4.43 -19.61 7.76
N CYS A 102 4.14 -20.72 7.03
CA CYS A 102 5.09 -21.30 6.06
C CYS A 102 5.46 -20.30 4.94
N GLN A 103 6.68 -20.41 4.40
CA GLN A 103 7.16 -19.53 3.34
C GLN A 103 6.22 -19.37 2.13
N ASN A 104 5.49 -20.45 1.73
CA ASN A 104 4.50 -20.41 0.64
C ASN A 104 3.40 -19.39 0.97
N ASP A 105 2.86 -19.46 2.18
CA ASP A 105 1.77 -18.59 2.65
C ASP A 105 2.19 -17.15 2.80
N GLN A 106 3.45 -16.93 3.25
CA GLN A 106 4.06 -15.61 3.38
C GLN A 106 4.13 -14.96 1.98
N ILE A 107 4.60 -15.72 0.97
CA ILE A 107 4.73 -15.24 -0.41
C ILE A 107 3.35 -14.96 -1.01
N VAL A 108 2.38 -15.86 -0.78
CA VAL A 108 1.00 -15.71 -1.24
C VAL A 108 0.39 -14.40 -0.67
N LEU A 109 0.51 -14.20 0.66
CA LEU A 109 -0.06 -13.03 1.32
C LEU A 109 0.57 -11.73 0.85
N LEU A 110 1.92 -11.71 0.66
CA LEU A 110 2.59 -10.50 0.16
C LEU A 110 2.33 -10.24 -1.32
N LYS A 111 2.25 -11.30 -2.17
CA LYS A 111 1.98 -11.11 -3.61
C LYS A 111 0.59 -10.55 -3.86
N ALA A 112 -0.39 -10.97 -3.04
CA ALA A 112 -1.75 -10.47 -3.15
C ALA A 112 -1.99 -9.16 -2.36
N GLY A 113 -1.24 -8.96 -1.28
CA GLY A 113 -1.49 -7.84 -0.39
C GLY A 113 -0.55 -6.65 -0.34
N ALA A 114 0.74 -6.80 -0.78
CA ALA A 114 1.72 -5.70 -0.75
C ALA A 114 1.16 -4.40 -1.37
N MET A 115 0.68 -4.48 -2.64
CA MET A 115 0.12 -3.36 -3.40
C MET A 115 -1.10 -2.72 -2.74
N GLU A 116 -1.99 -3.58 -2.19
CA GLU A 116 -3.18 -3.15 -1.45
C GLU A 116 -2.77 -2.34 -0.23
N VAL A 117 -1.74 -2.82 0.54
CA VAL A 117 -1.22 -2.08 1.71
C VAL A 117 -0.68 -0.69 1.28
N VAL A 118 0.17 -0.65 0.22
CA VAL A 118 0.73 0.61 -0.35
C VAL A 118 -0.43 1.58 -0.71
N LEU A 119 -1.50 1.07 -1.37
CA LEU A 119 -2.68 1.88 -1.76
C LEU A 119 -3.33 2.55 -0.53
N VAL A 120 -3.40 1.83 0.60
CA VAL A 120 -3.94 2.36 1.85
C VAL A 120 -2.95 3.40 2.42
N ARG A 121 -1.64 3.04 2.56
CA ARG A 121 -0.56 3.94 3.05
C ARG A 121 -0.50 5.28 2.27
N MET A 122 -0.79 5.24 0.96
CA MET A 122 -0.85 6.41 0.04
C MET A 122 -1.80 7.54 0.44
N CYS A 123 -2.87 7.24 1.22
CA CYS A 123 -3.83 8.27 1.68
C CYS A 123 -3.14 9.30 2.59
N ARG A 124 -2.04 8.91 3.26
CA ARG A 124 -1.24 9.83 4.10
C ARG A 124 -0.46 10.87 3.27
N ALA A 125 -0.06 10.51 2.04
CA ALA A 125 0.69 11.39 1.13
C ALA A 125 -0.27 12.20 0.23
N TYR A 126 -1.58 12.02 0.45
CA TYR A 126 -2.64 12.69 -0.31
C TYR A 126 -3.21 13.85 0.50
N ASN A 127 -3.20 15.06 -0.08
CA ASN A 127 -3.78 16.20 0.59
C ASN A 127 -5.17 16.42 -0.01
N ALA A 128 -6.22 16.07 0.76
CA ALA A 128 -7.61 16.21 0.36
C ALA A 128 -8.08 17.68 0.27
N ASP A 129 -7.37 18.64 0.92
CA ASP A 129 -7.69 20.07 0.85
C ASP A 129 -7.51 20.64 -0.56
N ASN A 130 -6.52 20.14 -1.33
CA ASN A 130 -6.25 20.68 -2.67
C ASN A 130 -6.11 19.59 -3.76
N ARG A 131 -6.36 18.32 -3.38
CA ARG A 131 -6.30 17.13 -4.26
C ARG A 131 -4.87 16.89 -4.82
N THR A 132 -3.84 17.03 -3.95
CA THR A 132 -2.44 16.85 -4.31
C THR A 132 -1.79 15.68 -3.63
N VAL A 133 -0.76 15.15 -4.29
CA VAL A 133 -0.01 14.04 -3.72
C VAL A 133 1.44 14.41 -3.60
N PHE A 134 2.10 13.91 -2.54
CA PHE A 134 3.51 14.18 -2.31
C PHE A 134 4.26 13.17 -3.18
N PHE A 135 4.91 13.68 -4.22
CA PHE A 135 5.65 12.88 -5.18
C PHE A 135 6.97 13.57 -5.50
N GLU A 136 8.09 12.87 -5.24
CA GLU A 136 9.44 13.36 -5.55
C GLU A 136 9.78 14.74 -4.96
N GLY A 137 9.46 14.93 -3.68
CA GLY A 137 9.79 16.14 -2.93
C GLY A 137 8.78 17.25 -2.83
N LYS A 138 7.72 17.24 -3.69
CA LYS A 138 6.65 18.24 -3.67
C LYS A 138 5.26 17.62 -3.88
N TYR A 139 4.23 18.46 -3.67
CA TYR A 139 2.84 18.10 -3.91
C TYR A 139 2.38 18.55 -5.30
N GLY A 140 1.69 17.65 -5.99
CA GLY A 140 1.14 17.90 -7.32
C GLY A 140 -0.18 17.22 -7.49
N GLY A 141 -1.01 17.75 -8.39
CA GLY A 141 -2.32 17.19 -8.73
C GLY A 141 -2.17 16.00 -9.66
N MET A 142 -3.26 15.29 -9.96
CA MET A 142 -3.18 14.12 -10.87
C MET A 142 -2.62 14.36 -12.29
N GLU A 143 -2.63 15.62 -12.78
CA GLU A 143 -2.11 16.04 -14.09
C GLU A 143 -0.60 15.73 -14.29
N LEU A 144 0.15 15.62 -13.18
CA LEU A 144 1.55 15.24 -13.01
C LEU A 144 1.86 13.88 -13.69
N PHE A 145 0.89 12.96 -13.64
CA PHE A 145 0.99 11.59 -14.12
C PHE A 145 0.46 11.36 -15.55
N ARG A 146 0.04 12.45 -16.25
CA ARG A 146 -0.50 12.38 -17.61
C ARG A 146 0.32 11.56 -18.61
N ALA A 147 1.68 11.69 -18.61
CA ALA A 147 2.56 10.93 -19.52
C ALA A 147 2.46 9.40 -19.40
N LEU A 148 1.96 8.85 -18.24
CA LEU A 148 1.78 7.40 -18.02
C LEU A 148 0.77 6.76 -18.98
N GLY A 149 -0.21 7.53 -19.43
CA GLY A 149 -1.28 7.05 -20.29
C GLY A 149 -2.23 6.08 -19.60
N CYS A 150 -2.48 6.30 -18.29
CA CYS A 150 -3.43 5.52 -17.51
C CYS A 150 -4.24 6.43 -16.56
N SER A 151 -4.88 7.44 -17.16
CA SER A 151 -5.67 8.48 -16.51
C SER A 151 -6.78 7.95 -15.62
N GLU A 152 -7.51 6.90 -16.07
CA GLU A 152 -8.58 6.24 -15.33
C GLU A 152 -8.04 5.61 -14.05
N LEU A 153 -6.89 4.91 -14.13
CA LEU A 153 -6.25 4.27 -12.98
C LEU A 153 -5.80 5.31 -11.95
N ILE A 154 -5.13 6.38 -12.41
CA ILE A 154 -4.64 7.48 -11.59
C ILE A 154 -5.78 8.19 -10.86
N SER A 155 -6.85 8.58 -11.59
CA SER A 155 -8.02 9.25 -10.99
C SER A 155 -8.72 8.33 -9.96
N SER A 156 -8.76 7.01 -10.20
CA SER A 156 -9.34 6.05 -9.26
C SER A 156 -8.54 5.95 -7.95
N ILE A 157 -7.20 5.94 -8.05
CA ILE A 157 -6.30 5.90 -6.89
C ILE A 157 -6.43 7.24 -6.12
N PHE A 158 -6.59 8.36 -6.85
CA PHE A 158 -6.80 9.67 -6.22
C PHE A 158 -8.15 9.69 -5.46
N ASP A 159 -9.25 9.19 -6.11
CA ASP A 159 -10.59 9.11 -5.53
C ASP A 159 -10.60 8.23 -4.30
N PHE A 160 -9.88 7.08 -4.38
CA PHE A 160 -9.70 6.15 -3.27
C PHE A 160 -8.98 6.84 -2.10
N SER A 161 -7.89 7.59 -2.40
CA SER A 161 -7.11 8.35 -1.43
C SER A 161 -7.95 9.46 -0.79
N HIS A 162 -8.83 10.09 -1.57
CA HIS A 162 -9.76 11.12 -1.13
C HIS A 162 -10.76 10.55 -0.11
N SER A 163 -11.30 9.36 -0.40
CA SER A 163 -12.26 8.62 0.43
C SER A 163 -11.67 8.20 1.80
N LEU A 164 -10.41 7.70 1.83
CA LEU A 164 -9.74 7.34 3.09
C LEU A 164 -9.37 8.55 3.92
N SER A 165 -9.00 9.67 3.24
CA SER A 165 -8.58 10.94 3.86
C SER A 165 -9.76 11.57 4.60
N ALA A 166 -10.97 11.43 4.03
CA ALA A 166 -12.24 11.90 4.57
C ALA A 166 -12.57 11.22 5.92
N LEU A 167 -12.12 9.95 6.10
CA LEU A 167 -12.29 9.17 7.33
C LEU A 167 -11.42 9.68 8.50
N HIS A 168 -10.39 10.51 8.18
CA HIS A 168 -9.45 11.08 9.14
C HIS A 168 -8.69 10.02 9.94
N PHE A 169 -8.23 8.98 9.22
CA PHE A 169 -7.49 7.84 9.74
C PHE A 169 -6.34 8.24 10.63
N SER A 170 -6.28 7.64 11.83
CA SER A 170 -5.14 7.87 12.69
C SER A 170 -4.05 6.87 12.23
N GLU A 171 -2.81 7.08 12.67
CA GLU A 171 -1.68 6.22 12.35
C GLU A 171 -1.92 4.79 12.86
N ASP A 172 -2.49 4.67 14.08
CA ASP A 172 -2.87 3.44 14.74
C ASP A 172 -3.97 2.73 13.98
N GLU A 173 -4.96 3.48 13.44
CA GLU A 173 -6.00 2.89 12.62
C GLU A 173 -5.43 2.33 11.32
N ILE A 174 -4.48 3.08 10.68
CA ILE A 174 -3.85 2.60 9.44
C ILE A 174 -3.06 1.31 9.72
N ALA A 175 -2.29 1.28 10.85
CA ALA A 175 -1.53 0.11 11.29
C ALA A 175 -2.45 -1.14 11.39
N LEU A 176 -3.55 -0.99 12.12
CA LEU A 176 -4.46 -2.11 12.35
C LEU A 176 -5.21 -2.55 11.10
N TYR A 177 -5.65 -1.57 10.30
CA TYR A 177 -6.35 -1.81 9.07
C TYR A 177 -5.44 -2.47 8.00
N THR A 178 -4.20 -1.98 7.84
CA THR A 178 -3.26 -2.55 6.86
C THR A 178 -2.78 -3.94 7.26
N ALA A 179 -2.75 -4.24 8.59
CA ALA A 179 -2.39 -5.57 9.11
C ALA A 179 -3.46 -6.57 8.65
N LEU A 180 -4.74 -6.13 8.63
CA LEU A 180 -5.88 -6.90 8.17
C LEU A 180 -5.94 -7.01 6.64
N VAL A 181 -5.45 -5.97 5.89
CA VAL A 181 -5.37 -6.01 4.42
C VAL A 181 -4.43 -7.18 4.00
N LEU A 182 -3.32 -7.32 4.72
CA LEU A 182 -2.28 -8.32 4.55
C LEU A 182 -2.70 -9.74 5.01
N ILE A 183 -3.19 -9.87 6.26
CA ILE A 183 -3.58 -11.17 6.81
C ILE A 183 -5.03 -11.48 6.42
N ASN A 184 -5.18 -11.95 5.19
CA ASN A 184 -6.47 -12.26 4.60
C ASN A 184 -6.49 -13.78 4.33
N ALA A 185 -7.33 -14.53 5.08
CA ALA A 185 -7.43 -15.99 4.96
C ALA A 185 -8.16 -16.50 3.69
N HIS A 186 -8.80 -15.59 2.95
CA HIS A 186 -9.49 -15.91 1.71
C HIS A 186 -8.57 -15.89 0.48
N ARG A 187 -7.26 -15.53 0.64
CA ARG A 187 -6.31 -15.50 -0.51
C ARG A 187 -6.16 -16.85 -1.18
N PRO A 188 -6.39 -16.97 -2.51
CA PRO A 188 -6.16 -18.28 -3.18
C PRO A 188 -4.70 -18.73 -3.04
N GLY A 189 -4.49 -20.03 -2.80
CA GLY A 189 -3.14 -20.57 -2.66
C GLY A 189 -2.60 -20.82 -1.27
N LEU A 190 -3.35 -20.45 -0.21
CA LEU A 190 -2.91 -20.66 1.17
C LEU A 190 -3.02 -22.13 1.57
N GLN A 191 -1.94 -22.66 2.09
CA GLN A 191 -1.83 -24.05 2.52
C GLN A 191 -2.32 -24.19 3.95
N GLU A 192 -1.87 -23.31 4.86
CA GLU A 192 -2.31 -23.33 6.25
C GLU A 192 -3.39 -22.27 6.47
N LYS A 193 -4.52 -22.46 5.80
CA LYS A 193 -5.71 -21.61 5.81
C LYS A 193 -6.31 -21.38 7.21
N ARG A 194 -6.40 -22.44 8.04
CA ARG A 194 -6.91 -22.34 9.41
C ARG A 194 -6.01 -21.47 10.31
N LYS A 195 -4.68 -21.57 10.11
CA LYS A 195 -3.67 -20.79 10.82
C LYS A 195 -3.79 -19.30 10.44
N VAL A 196 -4.00 -18.99 9.13
CA VAL A 196 -4.17 -17.61 8.65
C VAL A 196 -5.52 -17.05 9.17
N GLU A 197 -6.56 -17.93 9.24
CA GLU A 197 -7.89 -17.59 9.77
C GLU A 197 -7.82 -17.19 11.24
N GLN A 198 -6.99 -17.87 12.04
CA GLN A 198 -6.87 -17.55 13.45
C GLN A 198 -6.14 -16.21 13.63
N LEU A 199 -5.00 -16.02 12.92
CA LEU A 199 -4.24 -14.78 12.93
C LEU A 199 -5.13 -13.59 12.49
N GLN A 200 -5.99 -13.79 11.46
CA GLN A 200 -6.92 -12.77 10.96
C GLN A 200 -7.98 -12.38 12.02
N TYR A 201 -8.60 -13.38 12.68
CA TYR A 201 -9.59 -13.16 13.72
C TYR A 201 -8.98 -12.37 14.90
N ASN A 202 -7.72 -12.72 15.28
CA ASN A 202 -7.03 -12.03 16.35
C ASN A 202 -6.75 -10.56 16.04
N LEU A 203 -6.36 -10.28 14.78
CA LEU A 203 -6.10 -8.92 14.28
C LEU A 203 -7.40 -8.14 14.11
N GLU A 204 -8.49 -8.83 13.76
CA GLU A 204 -9.84 -8.25 13.64
C GLU A 204 -10.32 -7.78 15.01
N LEU A 205 -10.15 -8.62 16.07
CA LEU A 205 -10.46 -8.26 17.46
C LEU A 205 -9.60 -7.08 17.88
N ALA A 206 -8.26 -7.14 17.64
CA ALA A 206 -7.34 -6.04 17.94
C ALA A 206 -7.85 -4.74 17.28
N PHE A 207 -8.17 -4.81 15.98
CA PHE A 207 -8.72 -3.68 15.24
C PHE A 207 -10.04 -3.13 15.84
N HIS A 208 -11.05 -4.00 16.01
CA HIS A 208 -12.37 -3.63 16.50
C HIS A 208 -12.36 -3.16 17.96
N HIS A 209 -11.52 -3.79 18.81
CA HIS A 209 -11.32 -3.40 20.21
C HIS A 209 -10.78 -1.96 20.29
N HIS A 210 -9.74 -1.64 19.48
CA HIS A 210 -9.15 -0.31 19.41
C HIS A 210 -10.14 0.77 18.96
N LEU A 211 -10.97 0.47 17.93
CA LEU A 211 -12.03 1.38 17.45
C LEU A 211 -13.10 1.62 18.51
N CYS A 212 -13.45 0.55 19.26
CA CYS A 212 -14.42 0.58 20.35
C CYS A 212 -13.88 1.44 21.50
N LYS A 213 -12.63 1.19 21.90
CA LYS A 213 -11.91 1.90 22.96
C LYS A 213 -11.76 3.40 22.66
N THR A 214 -11.56 3.73 21.37
CA THR A 214 -11.33 5.11 20.92
C THR A 214 -12.57 5.82 20.39
N HIS A 215 -13.75 5.17 20.51
CA HIS A 215 -15.06 5.68 20.04
C HIS A 215 -15.01 6.02 18.54
N ARG A 216 -14.51 5.07 17.76
CA ARG A 216 -14.32 5.22 16.32
C ARG A 216 -15.00 4.15 15.50
N GLN A 217 -15.96 3.41 16.10
CA GLN A 217 -16.72 2.34 15.40
C GLN A 217 -17.59 2.88 14.27
N SER A 218 -17.82 4.21 14.23
CA SER A 218 -18.56 4.89 13.17
C SER A 218 -17.87 4.73 11.80
N ILE A 219 -16.54 4.47 11.77
CA ILE A 219 -15.76 4.32 10.53
C ILE A 219 -15.97 2.97 9.81
N LEU A 220 -16.37 1.90 10.54
CA LEU A 220 -16.57 0.54 10.01
C LEU A 220 -17.43 0.52 8.74
N ALA A 221 -18.57 1.23 8.78
CA ALA A 221 -19.51 1.37 7.68
C ALA A 221 -18.95 2.25 6.55
N LYS A 222 -17.98 3.14 6.90
CA LYS A 222 -17.34 4.08 5.97
C LYS A 222 -16.06 3.54 5.32
N LEU A 223 -15.61 2.34 5.72
CA LEU A 223 -14.41 1.71 5.17
C LEU A 223 -14.60 1.22 3.73
N PRO A 224 -13.52 1.15 2.88
CA PRO A 224 -13.72 0.72 1.49
C PRO A 224 -14.40 -0.63 1.33
N PRO A 225 -15.32 -0.73 0.34
CA PRO A 225 -16.02 -2.01 0.13
C PRO A 225 -15.07 -3.14 -0.24
N LYS A 226 -15.50 -4.38 0.02
CA LYS A 226 -14.75 -5.59 -0.35
C LYS A 226 -14.71 -5.61 -1.89
N GLY A 227 -13.51 -5.74 -2.46
CA GLY A 227 -13.31 -5.75 -3.90
C GLY A 227 -12.73 -4.48 -4.48
N LYS A 228 -12.80 -3.35 -3.74
CA LYS A 228 -12.28 -2.06 -4.19
C LYS A 228 -10.74 -2.06 -4.35
N LEU A 229 -9.99 -2.55 -3.32
CA LEU A 229 -8.53 -2.67 -3.36
C LEU A 229 -8.09 -3.65 -4.45
N ARG A 230 -8.87 -4.75 -4.60
CA ARG A 230 -8.67 -5.78 -5.61
C ARG A 230 -8.83 -5.19 -7.01
N SER A 231 -9.84 -4.34 -7.20
CA SER A 231 -10.16 -3.64 -8.46
C SER A 231 -8.99 -2.72 -8.90
N LEU A 232 -8.44 -1.92 -7.96
CA LEU A 232 -7.30 -1.02 -8.17
C LEU A 232 -6.03 -1.81 -8.56
N CYS A 233 -5.73 -2.91 -7.84
CA CYS A 233 -4.59 -3.80 -8.12
C CYS A 233 -4.64 -4.45 -9.49
N SER A 234 -5.85 -4.90 -9.88
CA SER A 234 -6.14 -5.53 -11.17
C SER A 234 -5.95 -4.53 -12.30
N GLN A 235 -6.43 -3.28 -12.10
CA GLN A 235 -6.29 -2.20 -13.06
C GLN A 235 -4.79 -1.86 -13.21
N HIS A 236 -4.05 -1.82 -12.08
CA HIS A 236 -2.60 -1.59 -12.11
C HIS A 236 -1.88 -2.65 -12.96
N VAL A 237 -2.22 -3.93 -12.74
CA VAL A 237 -1.66 -5.06 -13.49
C VAL A 237 -2.03 -4.99 -14.99
N GLU A 238 -3.31 -4.63 -15.29
CA GLU A 238 -3.82 -4.43 -16.67
C GLU A 238 -3.04 -3.31 -17.40
N ARG A 239 -2.86 -2.16 -16.74
CA ARG A 239 -2.14 -1.02 -17.32
C ARG A 239 -0.65 -1.34 -17.52
N LEU A 240 -0.03 -2.07 -16.55
CA LEU A 240 1.36 -2.51 -16.69
C LEU A 240 1.49 -3.46 -17.92
N GLN A 241 0.51 -4.37 -18.13
CA GLN A 241 0.53 -5.29 -19.28
C GLN A 241 0.45 -4.58 -20.62
N ILE A 242 -0.31 -3.45 -20.70
CA ILE A 242 -0.40 -2.64 -21.93
C ILE A 242 0.97 -2.01 -22.15
N PHE A 243 1.52 -1.39 -21.08
CA PHE A 243 2.81 -0.72 -21.12
C PHE A 243 3.94 -1.67 -21.52
N GLN A 244 3.92 -2.89 -20.96
CA GLN A 244 4.91 -3.93 -21.27
C GLN A 244 4.85 -4.34 -22.75
N HIS A 245 3.64 -4.41 -23.31
CA HIS A 245 3.41 -4.77 -24.71
C HIS A 245 4.04 -3.73 -25.67
N LEU A 246 3.97 -2.43 -25.28
CA LEU A 246 4.52 -1.29 -26.01
C LEU A 246 6.01 -1.08 -25.83
N HIS A 247 6.57 -1.41 -24.64
CA HIS A 247 7.99 -1.21 -24.31
C HIS A 247 8.55 -2.47 -23.57
N PRO A 248 8.66 -3.67 -24.20
CA PRO A 248 9.11 -4.86 -23.43
C PRO A 248 10.53 -4.82 -22.92
N ILE A 249 11.43 -4.16 -23.68
CA ILE A 249 12.83 -4.05 -23.30
C ILE A 249 13.00 -3.14 -22.09
N VAL A 250 12.17 -2.07 -21.99
CA VAL A 250 12.19 -1.10 -20.87
C VAL A 250 11.87 -1.87 -19.57
N VAL A 251 10.81 -2.72 -19.60
CA VAL A 251 10.40 -3.52 -18.44
C VAL A 251 11.52 -4.51 -18.10
N GLN A 252 11.96 -5.29 -19.08
CA GLN A 252 12.98 -6.30 -18.91
C GLN A 252 14.28 -5.69 -18.38
N ALA A 253 14.72 -4.53 -18.95
CA ALA A 253 15.99 -3.93 -18.59
C ALA A 253 16.05 -2.91 -17.46
N ALA A 254 14.97 -2.14 -17.25
CA ALA A 254 15.02 -1.02 -16.29
C ALA A 254 13.94 -1.01 -15.21
N PHE A 255 13.07 -2.01 -15.17
CA PHE A 255 12.09 -2.11 -14.11
C PHE A 255 12.68 -2.89 -12.94
N PRO A 256 12.42 -2.49 -11.67
CA PRO A 256 12.98 -3.24 -10.54
C PRO A 256 12.58 -4.73 -10.52
N PRO A 257 13.54 -5.60 -10.15
CA PRO A 257 13.26 -7.04 -10.08
C PRO A 257 12.07 -7.45 -9.20
N LEU A 258 11.88 -6.83 -8.01
CA LEU A 258 10.75 -7.10 -7.13
C LEU A 258 9.41 -6.71 -7.78
N TYR A 259 9.36 -5.54 -8.48
CA TYR A 259 8.17 -5.07 -9.20
C TYR A 259 7.78 -6.07 -10.32
N LYS A 260 8.75 -6.57 -11.10
CA LYS A 260 8.47 -7.54 -12.17
C LYS A 260 7.95 -8.85 -11.58
N GLU A 261 8.58 -9.31 -10.47
CA GLU A 261 8.21 -10.52 -9.75
C GLU A 261 6.73 -10.48 -9.29
N LEU A 262 6.29 -9.35 -8.72
CA LEU A 262 4.92 -9.15 -8.24
C LEU A 262 3.87 -8.91 -9.32
N PHE A 263 4.18 -8.07 -10.31
CA PHE A 263 3.20 -7.62 -11.28
C PHE A 263 3.32 -8.04 -12.73
N SER A 264 4.52 -8.40 -13.19
CA SER A 264 4.71 -8.80 -14.58
C SER A 264 4.42 -10.29 -14.75
N GLY A 265 5.12 -11.13 -13.97
CA GLY A 265 5.00 -12.58 -13.98
C GLY A 265 6.33 -13.29 -13.80
N LYS B 1 12.19 -15.14 -6.59
CA LYS B 1 13.60 -14.92 -6.29
C LYS B 1 13.79 -13.79 -5.25
N ILE B 2 13.37 -12.55 -5.58
CA ILE B 2 13.52 -11.36 -4.72
C ILE B 2 12.76 -11.48 -3.39
N LEU B 3 11.46 -11.80 -3.44
CA LEU B 3 10.61 -11.93 -2.26
C LEU B 3 11.16 -12.97 -1.26
N HIS B 4 11.59 -14.16 -1.76
CA HIS B 4 12.24 -15.23 -0.97
C HIS B 4 13.44 -14.66 -0.22
N ARG B 5 14.29 -13.88 -0.92
CA ARG B 5 15.52 -13.27 -0.40
C ARG B 5 15.22 -12.26 0.72
N LEU B 6 14.18 -11.41 0.53
CA LEU B 6 13.75 -10.40 1.51
C LEU B 6 13.22 -11.04 2.79
N LEU B 7 12.49 -12.16 2.65
CA LEU B 7 11.92 -12.91 3.75
C LEU B 7 12.97 -13.70 4.56
N GLN B 8 14.04 -14.16 3.90
CA GLN B 8 15.15 -14.93 4.49
C GLN B 8 16.22 -14.04 5.11
N ASP B 9 16.27 -12.75 4.70
CA ASP B 9 17.27 -11.79 5.19
C ASP B 9 17.06 -11.34 6.65
N SER B 10 17.90 -11.86 7.58
CA SER B 10 17.86 -11.53 9.01
C SER B 10 19.16 -10.88 9.47
C1 A7W C . -1.83 8.67 -6.40
C2 A7W C . -0.48 8.89 -6.59
C3 A7W C . -2.38 8.73 -5.13
C4 A7W C . 1.67 9.39 -5.67
C5 A7W C . 1.82 9.75 -3.30
C6 A7W C . 0.31 9.16 -5.49
C7 A7W C . -0.22 9.22 -4.20
C8 A7W C . -1.58 9.00 -4.04
C9 A7W C . 2.41 9.69 -4.54
N10 A7W C . 0.52 9.53 -3.12
N11 A7W C . -2.15 9.09 -2.75
O12 A7W C . 3.75 9.94 -4.61
NA NA D . -4.71 12.30 3.13
S DMS E . 8.06 9.16 -3.57
O DMS E . 8.17 10.59 -3.58
C1 DMS E . 6.62 8.64 -4.54
C2 DMS E . 7.55 8.75 -1.87
#